data_8PLG
#
_entry.id   8PLG
#
_cell.length_a   144.793
_cell.length_b   103.563
_cell.length_c   59.629
_cell.angle_alpha   90.000
_cell.angle_beta   113.000
_cell.angle_gamma   90.000
#
_symmetry.space_group_name_H-M   'C 1 2 1'
#
loop_
_entity.id
_entity.type
_entity.pdbx_description
1 polymer 'Thioredoxin glutathione reductase'
2 non-polymer 'FLAVIN-ADENINE DINUCLEOTIDE'
3 non-polymer '2-(4-ethoxyphenyl)ethanoic acid'
4 water water
#
_entity_poly.entity_id   1
_entity_poly.type   'polypeptide(L)'
_entity_poly.pdbx_seq_one_letter_code
;GPPPADGTSQWLRKTVDSAAVILFSKTTCPYCKKVKDVLAEAKIKHATIELDQLSNGSAIQKCLASFSKIETVPQMFVRG
KFIGDSQTVLKYYSNDELAGIVNESKYDYDLIVIGGGSGGLAAGKEAAKYGAKTAVLDYVEPTPIGTTWGLGGTCVNVGC
IPKKLMHQAGLLSHALEDAEHFGWSLDRSKISHNWSTMVEGVQSHIGSLNWGYKVALRDNQVTYLNAKGRLISPHEVQIT
DKNQKVSTITGNKIILATGERPKYPEIPGAVEYGITSDDLFSLPYFPGKTLVIGASYVALECAGFLASLGGDVTVMVRSI
LLRGFDQQMAEKVGDYMENHGVKFAKLCVPDEIKQLKVVDTENNKPGLLLVKGHYTDGKKFEEEFETVIFAVGREPQLSK
VLCETVGVKLDKNGRVVCTDDEQTTVSNVYAIGDINAGKPQLTPVAIQAGRYLARRLFAGATELTDYSNVATTVFTPLEY
GACGLSEEDAIEKYGDKDIEVYHSNFKPLEWTVAHREDNVCYMKLVCRKSDNMRVLGLHVLGPNAGEITQGYAVAIKMGA
TKADFDRTIGIHPTCSETFTTLHVTKKSGVSPIVSGC
;
_entity_poly.pdbx_strand_id   A
#
loop_
_chem_comp.id
_chem_comp.type
_chem_comp.name
_chem_comp.formula
FAD non-polymer 'FLAVIN-ADENINE DINUCLEOTIDE' 'C27 H33 N9 O15 P2'
YI6 non-polymer '2-(4-ethoxyphenyl)ethanoic acid' 'C10 H12 O3'
#
# COMPACT_ATOMS: atom_id res chain seq x y z
N GLY A 7 -25.60 16.17 17.57
CA GLY A 7 -24.71 15.69 16.53
C GLY A 7 -25.44 15.14 15.31
N THR A 8 -26.62 14.57 15.55
CA THR A 8 -27.42 13.99 14.47
C THR A 8 -27.67 15.01 13.36
N SER A 9 -28.02 16.24 13.75
CA SER A 9 -28.33 17.27 12.76
C SER A 9 -27.10 17.63 11.93
N GLN A 10 -25.93 17.70 12.57
CA GLN A 10 -24.70 18.03 11.84
C GLN A 10 -24.38 16.94 10.82
N TRP A 11 -24.58 15.67 11.20
CA TRP A 11 -24.30 14.57 10.28
C TRP A 11 -25.23 14.59 9.08
N LEU A 12 -26.51 14.84 9.31
CA LEU A 12 -27.46 14.80 8.20
C LEU A 12 -27.15 15.90 7.19
N ARG A 13 -26.79 17.09 7.67
CA ARG A 13 -26.50 18.20 6.77
C ARG A 13 -25.28 17.89 5.89
N LYS A 14 -24.23 17.32 6.48
CA LYS A 14 -23.04 16.95 5.72
C LYS A 14 -23.36 15.85 4.69
N THR A 15 -24.19 14.89 5.08
CA THR A 15 -24.55 13.77 4.19
C THR A 15 -25.34 14.26 2.98
N VAL A 16 -26.35 15.10 3.21
CA VAL A 16 -27.17 15.59 2.10
C VAL A 16 -26.36 16.46 1.16
N ASP A 17 -25.48 17.31 1.71
CA ASP A 17 -24.69 18.21 0.87
C ASP A 17 -23.74 17.47 -0.06
N SER A 18 -23.20 16.33 0.36
CA SER A 18 -22.13 15.69 -0.40
C SER A 18 -22.57 14.51 -1.24
N ALA A 19 -23.65 13.81 -0.87
CA ALA A 19 -24.07 12.64 -1.64
C ALA A 19 -24.51 13.03 -3.06
N ALA A 20 -24.19 12.17 -4.03
CA ALA A 20 -24.57 12.42 -5.41
C ALA A 20 -26.05 12.09 -5.63
N VAL A 21 -26.44 10.86 -5.30
CA VAL A 21 -27.83 10.40 -5.37
C VAL A 21 -28.08 9.53 -4.14
N ILE A 22 -29.02 9.94 -3.28
CA ILE A 22 -29.24 9.20 -2.03
C ILE A 22 -30.73 9.12 -1.71
N LEU A 23 -31.14 7.96 -1.19
CA LEU A 23 -32.51 7.64 -0.87
C LEU A 23 -32.62 7.31 0.61
N PHE A 24 -33.45 8.06 1.33
CA PHE A 24 -33.79 7.71 2.71
C PHE A 24 -35.06 6.84 2.70
N SER A 25 -35.03 5.76 3.48
CA SER A 25 -35.96 4.66 3.29
C SER A 25 -36.19 3.94 4.61
N LYS A 26 -37.20 3.06 4.62
CA LYS A 26 -37.34 2.00 5.62
C LYS A 26 -37.51 0.67 4.89
N THR A 27 -36.99 -0.41 5.51
CA THR A 27 -36.98 -1.71 4.85
C THR A 27 -38.38 -2.25 4.62
N THR A 28 -39.34 -1.86 5.45
CA THR A 28 -40.68 -2.45 5.45
C THR A 28 -41.73 -1.56 4.77
N CYS A 29 -41.30 -0.59 3.96
CA CYS A 29 -42.25 0.37 3.39
C CYS A 29 -42.48 0.08 1.92
N PRO A 30 -43.73 -0.12 1.49
CA PRO A 30 -43.99 -0.39 0.07
C PRO A 30 -43.82 0.81 -0.83
N TYR A 31 -43.92 2.04 -0.29
CA TYR A 31 -43.66 3.21 -1.12
C TYR A 31 -42.18 3.35 -1.43
N CYS A 32 -41.32 2.96 -0.48
CA CYS A 32 -39.88 2.92 -0.75
C CYS A 32 -39.55 1.86 -1.79
N LYS A 33 -40.19 0.70 -1.70
CA LYS A 33 -39.97 -0.36 -2.68
C LYS A 33 -40.29 0.12 -4.09
N LYS A 34 -41.39 0.85 -4.25
CA LYS A 34 -41.77 1.35 -5.57
C LYS A 34 -40.71 2.28 -6.14
N VAL A 35 -40.10 3.13 -5.30
CA VAL A 35 -39.05 4.01 -5.78
C VAL A 35 -37.79 3.21 -6.14
N LYS A 36 -37.43 2.24 -5.29
CA LYS A 36 -36.28 1.39 -5.59
C LYS A 36 -36.45 0.69 -6.93
N ASP A 37 -37.66 0.20 -7.22
CA ASP A 37 -37.89 -0.51 -8.48
C ASP A 37 -37.77 0.43 -9.67
N VAL A 38 -38.25 1.66 -9.54
CA VAL A 38 -38.09 2.62 -10.63
C VAL A 38 -36.61 2.90 -10.85
N LEU A 39 -35.85 3.11 -9.77
CA LEU A 39 -34.42 3.39 -9.90
C LEU A 39 -33.68 2.20 -10.49
N ALA A 40 -34.03 0.99 -10.05
CA ALA A 40 -33.39 -0.21 -10.60
C ALA A 40 -33.65 -0.35 -12.09
N GLU A 41 -34.89 -0.10 -12.53
CA GLU A 41 -35.23 -0.25 -13.94
C GLU A 41 -34.48 0.76 -14.79
N ALA A 42 -34.47 2.02 -14.36
CA ALA A 42 -33.77 3.09 -15.09
C ALA A 42 -32.26 3.02 -14.91
N LYS A 43 -31.74 2.05 -14.15
CA LYS A 43 -30.30 1.89 -13.95
C LYS A 43 -29.67 3.14 -13.33
N ILE A 44 -30.33 3.69 -12.31
CA ILE A 44 -29.83 4.84 -11.57
C ILE A 44 -29.18 4.32 -10.29
N LYS A 45 -27.84 4.37 -10.22
CA LYS A 45 -27.14 3.94 -9.01
C LYS A 45 -27.27 5.02 -7.94
N HIS A 46 -27.29 4.59 -6.68
CA HIS A 46 -27.56 5.49 -5.56
C HIS A 46 -27.18 4.82 -4.25
N ALA A 47 -27.01 5.65 -3.22
CA ALA A 47 -26.90 5.18 -1.84
C ALA A 47 -28.30 5.07 -1.23
N THR A 48 -28.41 4.25 -0.19
CA THR A 48 -29.66 4.04 0.54
C THR A 48 -29.37 3.99 2.04
N ILE A 49 -30.16 4.70 2.84
CA ILE A 49 -30.04 4.66 4.28
C ILE A 49 -31.40 4.21 4.84
N GLU A 50 -31.42 3.01 5.44
CA GLU A 50 -32.63 2.44 6.02
C GLU A 50 -32.76 2.93 7.46
N LEU A 51 -33.68 3.87 7.70
CA LEU A 51 -33.79 4.50 9.01
C LEU A 51 -34.27 3.54 10.10
N ASP A 52 -34.96 2.45 9.75
CA ASP A 52 -35.44 1.50 10.74
C ASP A 52 -34.35 0.57 11.27
N GLN A 53 -33.10 0.76 10.84
CA GLN A 53 -31.97 0.00 11.35
C GLN A 53 -30.97 0.90 12.07
N LEU A 54 -31.37 2.12 12.41
CA LEU A 54 -30.51 3.08 13.10
C LEU A 54 -31.15 3.47 14.42
N SER A 55 -30.33 3.54 15.48
CA SER A 55 -30.87 3.90 16.79
C SER A 55 -31.55 5.25 16.76
N ASN A 56 -30.89 6.24 16.17
CA ASN A 56 -31.43 7.60 16.06
C ASN A 56 -32.22 7.81 14.78
N GLY A 57 -32.78 6.74 14.20
CA GLY A 57 -33.50 6.88 12.95
C GLY A 57 -34.73 7.77 13.06
N SER A 58 -35.43 7.69 14.19
CA SER A 58 -36.58 8.58 14.40
C SER A 58 -36.15 10.03 14.37
N ALA A 59 -35.03 10.36 15.03
CA ALA A 59 -34.52 11.72 15.04
C ALA A 59 -34.08 12.17 13.64
N ILE A 60 -33.48 11.27 12.86
CA ILE A 60 -33.10 11.62 11.49
C ILE A 60 -34.33 11.98 10.68
N GLN A 61 -35.40 11.21 10.85
CA GLN A 61 -36.64 11.47 10.12
C GLN A 61 -37.17 12.87 10.40
N LYS A 62 -36.98 13.40 11.61
CA LYS A 62 -37.41 14.76 11.90
C LYS A 62 -36.44 15.79 11.33
N CYS A 63 -35.13 15.52 11.37
CA CYS A 63 -34.16 16.46 10.84
C CYS A 63 -34.28 16.61 9.32
N LEU A 64 -34.78 15.57 8.64
CA LEU A 64 -34.93 15.62 7.19
C LEU A 64 -35.84 16.77 6.76
N ALA A 65 -36.77 17.16 7.63
CA ALA A 65 -37.73 18.21 7.28
C ALA A 65 -37.08 19.58 7.15
N SER A 66 -35.87 19.77 7.69
CA SER A 66 -35.12 21.00 7.44
C SER A 66 -34.75 21.16 5.97
N PHE A 67 -34.77 20.09 5.17
CA PHE A 67 -34.51 20.20 3.74
C PHE A 67 -35.75 20.03 2.88
N SER A 68 -36.65 19.11 3.26
CA SER A 68 -37.77 18.71 2.42
C SER A 68 -39.12 19.24 2.87
N LYS A 69 -39.22 19.71 4.13
CA LYS A 69 -40.48 20.10 4.78
C LYS A 69 -41.43 18.92 4.98
N ILE A 70 -40.95 17.69 4.83
CA ILE A 70 -41.72 16.50 5.17
C ILE A 70 -40.89 15.60 6.08
N GLU A 71 -41.58 14.68 6.76
CA GLU A 71 -40.95 13.76 7.72
C GLU A 71 -41.22 12.30 7.41
N THR A 72 -41.72 11.97 6.23
CA THR A 72 -42.04 10.60 5.84
C THR A 72 -40.93 10.02 4.96
N VAL A 73 -40.93 8.70 4.82
CA VAL A 73 -40.05 8.02 3.87
C VAL A 73 -40.90 7.45 2.74
N PRO A 74 -40.40 7.39 1.50
CA PRO A 74 -39.04 7.76 1.06
C PRO A 74 -38.83 9.25 0.78
N GLN A 75 -37.57 9.68 0.88
CA GLN A 75 -37.12 11.00 0.44
C GLN A 75 -35.88 10.83 -0.43
N MET A 76 -35.89 11.41 -1.62
CA MET A 76 -34.78 11.31 -2.56
C MET A 76 -34.12 12.67 -2.77
N PHE A 77 -32.78 12.67 -2.75
CA PHE A 77 -31.94 13.85 -2.87
C PHE A 77 -30.93 13.67 -4.00
N VAL A 78 -30.62 14.75 -4.71
CA VAL A 78 -29.58 14.74 -5.75
C VAL A 78 -28.70 15.95 -5.53
N ARG A 79 -27.42 15.72 -5.23
CA ARG A 79 -26.42 16.77 -5.15
C ARG A 79 -26.89 17.94 -4.27
N GLY A 80 -27.46 17.58 -3.11
CA GLY A 80 -27.80 18.53 -2.06
C GLY A 80 -29.20 19.10 -2.13
N LYS A 81 -30.01 18.66 -3.08
CA LYS A 81 -31.34 19.20 -3.35
C LYS A 81 -32.38 18.10 -3.13
N PHE A 82 -33.46 18.42 -2.42
CA PHE A 82 -34.55 17.45 -2.29
C PHE A 82 -35.30 17.33 -3.61
N ILE A 83 -35.43 16.10 -4.10
CA ILE A 83 -36.05 15.82 -5.39
C ILE A 83 -37.53 15.44 -5.26
N GLY A 84 -37.89 14.63 -4.29
CA GLY A 84 -39.29 14.26 -4.17
C GLY A 84 -39.52 13.06 -3.27
N ASP A 85 -40.80 12.87 -2.95
CA ASP A 85 -41.31 11.65 -2.32
C ASP A 85 -41.66 10.65 -3.43
N SER A 86 -42.42 9.61 -3.10
CA SER A 86 -42.72 8.56 -4.08
C SER A 86 -43.54 9.10 -5.25
N GLN A 87 -44.61 9.85 -4.98
CA GLN A 87 -45.40 10.42 -6.08
C GLN A 87 -44.54 11.25 -7.01
N THR A 88 -43.68 12.11 -6.45
CA THR A 88 -42.93 13.04 -7.28
C THR A 88 -41.90 12.31 -8.14
N VAL A 89 -41.22 11.30 -7.57
CA VAL A 89 -40.22 10.57 -8.35
C VAL A 89 -40.88 9.87 -9.54
N LEU A 90 -42.02 9.22 -9.31
CA LEU A 90 -42.73 8.55 -10.40
C LEU A 90 -43.28 9.54 -11.43
N LYS A 91 -43.62 10.76 -11.00
CA LYS A 91 -43.99 11.81 -11.95
C LYS A 91 -42.83 12.10 -12.90
N TYR A 92 -41.63 12.30 -12.36
CA TYR A 92 -40.48 12.56 -13.21
C TYR A 92 -40.24 11.40 -14.18
N TYR A 93 -40.38 10.17 -13.68
CA TYR A 93 -40.15 8.99 -14.51
C TYR A 93 -41.17 8.89 -15.63
N SER A 94 -42.46 9.09 -15.30
CA SER A 94 -43.51 8.94 -16.30
C SER A 94 -43.37 9.96 -17.43
N ASN A 95 -42.79 11.12 -17.14
CA ASN A 95 -42.67 12.19 -18.12
C ASN A 95 -41.30 12.21 -18.78
N ASP A 96 -40.50 11.15 -18.60
CA ASP A 96 -39.15 11.04 -19.13
C ASP A 96 -38.30 12.25 -18.69
N GLU A 97 -38.48 12.66 -17.44
CA GLU A 97 -37.74 13.77 -16.86
C GLU A 97 -36.70 13.33 -15.83
N LEU A 98 -36.74 12.08 -15.38
CA LEU A 98 -35.93 11.63 -14.24
C LEU A 98 -34.44 11.58 -14.59
N ALA A 99 -34.09 11.01 -15.74
CA ALA A 99 -32.68 10.90 -16.12
C ALA A 99 -32.00 12.26 -16.15
N GLY A 100 -32.69 13.29 -16.66
CA GLY A 100 -32.10 14.61 -16.71
C GLY A 100 -31.90 15.23 -15.34
N ILE A 101 -32.80 14.94 -14.40
CA ILE A 101 -32.67 15.49 -13.05
C ILE A 101 -31.47 14.89 -12.33
N VAL A 102 -31.33 13.56 -12.38
CA VAL A 102 -30.23 12.90 -11.68
C VAL A 102 -28.88 13.13 -12.33
N ASN A 103 -28.85 13.67 -13.56
CA ASN A 103 -27.60 14.01 -14.23
C ASN A 103 -27.24 15.48 -14.14
N GLU A 104 -28.10 16.31 -13.53
CA GLU A 104 -27.88 17.75 -13.48
C GLU A 104 -26.79 18.08 -12.45
N SER A 105 -25.74 18.77 -12.88
CA SER A 105 -24.68 19.17 -11.96
C SER A 105 -24.02 20.45 -12.45
N LYS A 106 -23.50 21.21 -11.49
CA LYS A 106 -22.66 22.36 -11.78
C LYS A 106 -21.31 21.96 -12.34
N TYR A 107 -20.90 20.70 -12.13
CA TYR A 107 -19.57 20.22 -12.49
C TYR A 107 -19.66 19.07 -13.48
N ASP A 108 -18.56 18.81 -14.18
CA ASP A 108 -18.51 17.66 -15.07
C ASP A 108 -18.65 16.35 -14.30
N TYR A 109 -18.01 16.24 -13.14
CA TYR A 109 -17.94 15.01 -12.37
C TYR A 109 -18.25 15.28 -10.89
N ASP A 110 -18.85 14.28 -10.22
CA ASP A 110 -18.96 14.34 -8.77
C ASP A 110 -17.62 14.13 -8.09
N LEU A 111 -16.75 13.30 -8.68
CA LEU A 111 -15.43 12.97 -8.15
C LEU A 111 -14.42 12.89 -9.27
N ILE A 112 -13.28 13.57 -9.11
CA ILE A 112 -12.11 13.40 -9.95
C ILE A 112 -11.01 12.87 -9.06
N VAL A 113 -10.47 11.69 -9.40
CA VAL A 113 -9.32 11.09 -8.74
C VAL A 113 -8.09 11.36 -9.60
N ILE A 114 -7.10 12.06 -9.04
CA ILE A 114 -5.81 12.23 -9.70
C ILE A 114 -4.88 11.15 -9.17
N GLY A 115 -4.62 10.14 -10.01
CA GLY A 115 -3.77 9.01 -9.66
C GLY A 115 -4.51 7.69 -9.71
N GLY A 116 -4.10 6.80 -10.60
CA GLY A 116 -4.72 5.49 -10.74
C GLY A 116 -3.91 4.35 -10.12
N GLY A 117 -3.57 4.47 -8.84
CA GLY A 117 -2.87 3.42 -8.11
C GLY A 117 -3.76 2.71 -7.10
N SER A 118 -3.12 2.08 -6.11
CA SER A 118 -3.83 1.33 -5.07
C SER A 118 -4.98 2.14 -4.46
N GLY A 119 -4.69 3.34 -3.96
CA GLY A 119 -5.73 4.12 -3.30
C GLY A 119 -6.73 4.70 -4.28
N GLY A 120 -6.24 5.28 -5.38
CA GLY A 120 -7.13 6.00 -6.28
C GLY A 120 -8.12 5.09 -7.00
N LEU A 121 -7.66 3.93 -7.45
CA LEU A 121 -8.59 2.98 -8.07
C LEU A 121 -9.61 2.47 -7.05
N ALA A 122 -9.19 2.24 -5.80
CA ALA A 122 -10.15 1.75 -4.81
C ALA A 122 -11.20 2.82 -4.47
N ALA A 123 -10.78 4.08 -4.36
CA ALA A 123 -11.73 5.15 -4.08
C ALA A 123 -12.69 5.36 -5.24
N GLY A 124 -12.18 5.37 -6.48
CA GLY A 124 -13.03 5.62 -7.63
C GLY A 124 -14.09 4.56 -7.85
N LYS A 125 -13.71 3.28 -7.72
CA LYS A 125 -14.66 2.21 -7.92
C LYS A 125 -15.77 2.26 -6.88
N GLU A 126 -15.40 2.53 -5.63
CA GLU A 126 -16.38 2.53 -4.54
C GLU A 126 -17.34 3.72 -4.66
N ALA A 127 -16.81 4.89 -5.02
CA ALA A 127 -17.66 6.07 -5.18
C ALA A 127 -18.72 5.85 -6.27
N ALA A 128 -18.31 5.28 -7.41
CA ALA A 128 -19.24 5.05 -8.52
C ALA A 128 -20.40 4.15 -8.12
N LYS A 129 -20.19 3.23 -7.17
CA LYS A 129 -21.29 2.36 -6.71
C LYS A 129 -22.49 3.14 -6.19
N TYR A 130 -22.28 4.31 -5.59
CA TYR A 130 -23.37 5.10 -5.03
C TYR A 130 -23.84 6.23 -5.94
N GLY A 131 -23.59 6.14 -7.24
CA GLY A 131 -24.10 7.12 -8.18
C GLY A 131 -23.21 8.31 -8.43
N ALA A 132 -22.03 8.36 -7.83
CA ALA A 132 -21.11 9.46 -8.06
C ALA A 132 -20.50 9.35 -9.45
N LYS A 133 -20.70 10.38 -10.27
CA LYS A 133 -20.09 10.39 -11.60
C LYS A 133 -18.59 10.66 -11.44
N THR A 134 -17.77 9.68 -11.83
CA THR A 134 -16.38 9.63 -11.42
C THR A 134 -15.44 9.56 -12.62
N ALA A 135 -14.32 10.26 -12.53
CA ALA A 135 -13.22 10.12 -13.48
C ALA A 135 -11.94 9.80 -12.72
N VAL A 136 -11.16 8.86 -13.27
CA VAL A 136 -9.84 8.50 -12.75
C VAL A 136 -8.81 8.92 -13.80
N LEU A 137 -7.84 9.72 -13.36
CA LEU A 137 -6.73 10.16 -14.19
C LEU A 137 -5.49 9.37 -13.79
N ASP A 138 -4.76 8.81 -14.78
CA ASP A 138 -3.48 8.17 -14.49
C ASP A 138 -2.47 8.41 -15.59
N TYR A 139 -1.24 8.75 -15.20
CA TYR A 139 -0.15 8.91 -16.15
C TYR A 139 1.14 8.47 -15.45
N VAL A 140 2.02 7.80 -16.20
CA VAL A 140 3.27 7.26 -15.65
C VAL A 140 4.41 8.00 -16.32
N GLU A 141 4.99 8.98 -15.62
CA GLU A 141 6.16 9.67 -16.15
C GLU A 141 7.30 8.67 -16.32
N PRO A 142 7.94 8.60 -17.48
CA PRO A 142 8.99 7.58 -17.69
C PRO A 142 10.21 7.81 -16.81
N THR A 143 10.90 6.72 -16.47
CA THR A 143 12.18 6.81 -15.74
C THR A 143 13.22 7.49 -16.63
N PRO A 144 14.40 7.83 -16.10
CA PRO A 144 15.42 8.45 -16.96
C PRO A 144 15.82 7.61 -18.15
N ILE A 145 15.84 6.27 -18.05
CA ILE A 145 16.17 5.45 -19.21
C ILE A 145 14.96 5.17 -20.09
N GLY A 146 13.77 5.62 -19.72
CA GLY A 146 12.60 5.50 -20.58
C GLY A 146 11.54 4.48 -20.17
N THR A 147 11.71 3.79 -19.04
CA THR A 147 10.74 2.76 -18.64
C THR A 147 9.39 3.36 -18.28
N THR A 148 8.31 2.70 -18.72
CA THR A 148 6.95 3.07 -18.34
C THR A 148 6.12 1.80 -18.24
N TRP A 149 4.85 1.93 -17.82
CA TRP A 149 3.99 0.77 -17.54
C TRP A 149 2.53 1.22 -17.51
N GLY A 150 1.63 0.25 -17.27
CA GLY A 150 0.20 0.48 -17.40
C GLY A 150 -0.52 0.83 -16.10
N LEU A 151 -1.86 0.81 -16.18
CA LEU A 151 -2.72 1.23 -15.07
C LEU A 151 -2.56 0.34 -13.84
N GLY A 152 -2.55 0.94 -12.66
CA GLY A 152 -2.55 0.16 -11.44
C GLY A 152 -1.62 0.66 -10.35
N GLY A 153 -0.68 1.54 -10.69
CA GLY A 153 0.18 2.16 -9.69
C GLY A 153 1.44 1.39 -9.33
N THR A 154 2.06 1.79 -8.21
CA THR A 154 3.40 1.29 -7.86
C THR A 154 3.36 -0.18 -7.48
N CYS A 155 2.40 -0.58 -6.65
CA CYS A 155 2.37 -1.96 -6.15
C CYS A 155 2.20 -2.94 -7.29
N VAL A 156 1.22 -2.68 -8.16
CA VAL A 156 0.88 -3.57 -9.25
C VAL A 156 2.05 -3.72 -10.23
N ASN A 157 2.66 -2.60 -10.62
CA ASN A 157 3.63 -2.60 -11.72
C ASN A 157 5.10 -2.68 -11.31
N VAL A 158 5.49 -2.05 -10.20
CA VAL A 158 6.91 -1.91 -9.87
C VAL A 158 7.12 -2.00 -8.36
N GLY A 159 6.25 -2.78 -7.69
CA GLY A 159 6.23 -2.84 -6.23
C GLY A 159 5.85 -4.22 -5.68
N CYS A 160 4.83 -4.29 -4.81
CA CYS A 160 4.59 -5.52 -4.03
C CYS A 160 4.43 -6.74 -4.93
N ILE A 161 3.77 -6.59 -6.07
CA ILE A 161 3.41 -7.75 -6.91
C ILE A 161 4.65 -8.35 -7.58
N PRO A 162 5.39 -7.62 -8.44
CA PRO A 162 6.58 -8.25 -9.03
C PRO A 162 7.64 -8.61 -8.01
N LYS A 163 7.80 -7.79 -6.95
CA LYS A 163 8.83 -8.10 -5.97
C LYS A 163 8.53 -9.42 -5.24
N LYS A 164 7.27 -9.68 -4.90
CA LYS A 164 7.00 -10.96 -4.22
C LYS A 164 7.08 -12.15 -5.18
N LEU A 165 6.77 -11.93 -6.47
CA LEU A 165 6.94 -13.01 -7.45
C LEU A 165 8.42 -13.34 -7.65
N MET A 166 9.30 -12.32 -7.65
CA MET A 166 10.73 -12.67 -7.79
C MET A 166 11.30 -13.23 -6.50
N HIS A 167 10.79 -12.79 -5.33
CA HIS A 167 11.06 -13.47 -4.07
C HIS A 167 10.68 -14.96 -4.16
N GLN A 168 9.51 -15.26 -4.74
CA GLN A 168 9.12 -16.67 -4.85
C GLN A 168 10.09 -17.44 -5.75
N ALA A 169 10.56 -16.83 -6.85
CA ALA A 169 11.56 -17.49 -7.69
C ALA A 169 12.84 -17.77 -6.90
N GLY A 170 13.21 -16.84 -6.02
CA GLY A 170 14.39 -17.06 -5.17
C GLY A 170 14.16 -18.16 -4.15
N LEU A 171 12.99 -18.18 -3.51
CA LEU A 171 12.70 -19.23 -2.54
C LEU A 171 12.76 -20.60 -3.19
N LEU A 172 12.40 -20.68 -4.48
CA LEU A 172 12.38 -21.98 -5.14
C LEU A 172 13.79 -22.53 -5.37
N SER A 173 14.83 -21.68 -5.37
CA SER A 173 16.19 -22.22 -5.35
C SER A 173 16.43 -23.08 -4.11
N HIS A 174 15.92 -22.66 -2.96
CA HIS A 174 16.16 -23.45 -1.76
C HIS A 174 15.20 -24.62 -1.66
N ALA A 175 14.03 -24.50 -2.29
CA ALA A 175 13.15 -25.66 -2.48
C ALA A 175 13.83 -26.75 -3.29
N LEU A 176 14.55 -26.38 -4.37
CA LEU A 176 15.26 -27.36 -5.19
C LEU A 176 16.34 -28.06 -4.38
N GLU A 177 17.08 -27.31 -3.54
CA GLU A 177 18.08 -27.92 -2.67
C GLU A 177 17.42 -28.87 -1.66
N ASP A 178 16.32 -28.43 -1.05
CA ASP A 178 15.64 -29.22 -0.02
C ASP A 178 15.12 -30.53 -0.62
N ALA A 179 14.65 -30.48 -1.87
CA ALA A 179 14.02 -31.65 -2.46
C ALA A 179 14.96 -32.85 -2.53
N GLU A 180 16.28 -32.62 -2.66
CA GLU A 180 17.21 -33.75 -2.66
C GLU A 180 17.17 -34.50 -1.32
N HIS A 181 17.15 -33.76 -0.21
CA HIS A 181 17.12 -34.41 1.10
C HIS A 181 15.80 -35.14 1.34
N PHE A 182 14.70 -34.65 0.77
CA PHE A 182 13.41 -35.30 0.90
C PHE A 182 13.21 -36.45 -0.09
N GLY A 183 14.23 -36.81 -0.89
CA GLY A 183 14.18 -38.02 -1.70
C GLY A 183 14.09 -37.82 -3.21
N TRP A 184 13.95 -36.59 -3.70
CA TRP A 184 13.81 -36.36 -5.14
C TRP A 184 15.17 -36.44 -5.84
N SER A 185 15.18 -36.93 -7.08
CA SER A 185 16.42 -37.37 -7.72
C SER A 185 17.20 -36.26 -8.44
N LEU A 186 16.81 -34.99 -8.28
CA LEU A 186 17.50 -33.91 -8.96
C LEU A 186 18.83 -33.58 -8.27
N ASP A 187 19.72 -32.94 -9.03
CA ASP A 187 20.97 -32.36 -8.52
C ASP A 187 20.91 -30.86 -8.74
N ARG A 188 20.68 -30.11 -7.65
CA ARG A 188 20.58 -28.65 -7.71
C ARG A 188 21.80 -28.00 -8.36
N SER A 189 22.99 -28.57 -8.16
CA SER A 189 24.19 -27.91 -8.67
C SER A 189 24.29 -27.96 -10.19
N LYS A 190 23.41 -28.69 -10.88
CA LYS A 190 23.38 -28.70 -12.34
C LYS A 190 22.24 -27.86 -12.92
N ILE A 191 21.48 -27.16 -12.09
CA ILE A 191 20.33 -26.38 -12.55
C ILE A 191 20.68 -24.90 -12.50
N SER A 192 20.28 -24.17 -13.53
CA SER A 192 20.51 -22.73 -13.63
C SER A 192 19.19 -22.00 -13.78
N HIS A 193 19.24 -20.67 -13.64
CA HIS A 193 18.05 -19.82 -13.76
C HIS A 193 18.13 -18.91 -14.98
N ASN A 194 16.99 -18.70 -15.64
CA ASN A 194 16.91 -17.83 -16.82
C ASN A 194 16.09 -16.60 -16.44
N TRP A 195 16.78 -15.47 -16.27
CA TRP A 195 16.14 -14.23 -15.82
C TRP A 195 15.01 -13.80 -16.76
N SER A 196 15.27 -13.81 -18.07
CA SER A 196 14.28 -13.24 -18.98
C SER A 196 13.02 -14.10 -19.05
N THR A 197 13.15 -15.43 -18.90
CA THR A 197 11.96 -16.28 -18.81
C THR A 197 11.11 -15.91 -17.59
N MET A 198 11.75 -15.67 -16.44
CA MET A 198 11.04 -15.20 -15.25
C MET A 198 10.36 -13.85 -15.50
N VAL A 199 11.10 -12.90 -16.06
CA VAL A 199 10.54 -11.58 -16.28
C VAL A 199 9.34 -11.64 -17.22
N GLU A 200 9.38 -12.49 -18.24
CA GLU A 200 8.25 -12.53 -19.16
C GLU A 200 6.99 -13.01 -18.46
N GLY A 201 7.12 -14.00 -17.57
CA GLY A 201 5.96 -14.52 -16.85
C GLY A 201 5.41 -13.52 -15.85
N VAL A 202 6.31 -12.85 -15.10
CA VAL A 202 5.88 -11.79 -14.19
C VAL A 202 5.15 -10.69 -14.94
N GLN A 203 5.69 -10.26 -16.09
CA GLN A 203 5.09 -9.15 -16.84
C GLN A 203 3.77 -9.56 -17.49
N SER A 204 3.61 -10.84 -17.81
CA SER A 204 2.32 -11.28 -18.35
C SER A 204 1.24 -11.24 -17.27
N HIS A 205 1.59 -11.57 -16.02
CA HIS A 205 0.62 -11.40 -14.95
C HIS A 205 0.32 -9.92 -14.71
N ILE A 206 1.34 -9.06 -14.70
CA ILE A 206 1.10 -7.64 -14.53
C ILE A 206 0.19 -7.11 -15.64
N GLY A 207 0.41 -7.60 -16.87
CA GLY A 207 -0.43 -7.15 -17.97
C GLY A 207 -1.89 -7.54 -17.80
N SER A 208 -2.14 -8.71 -17.24
CA SER A 208 -3.51 -9.09 -16.95
C SER A 208 -4.15 -8.19 -15.89
N LEU A 209 -3.35 -7.65 -14.96
CA LEU A 209 -3.88 -6.72 -13.98
C LEU A 209 -4.14 -5.34 -14.59
N ASN A 210 -3.23 -4.83 -15.45
CA ASN A 210 -3.48 -3.57 -16.15
C ASN A 210 -4.83 -3.62 -16.87
N TRP A 211 -5.05 -4.73 -17.60
CA TRP A 211 -6.28 -4.89 -18.39
C TRP A 211 -7.49 -5.07 -17.49
N GLY A 212 -7.34 -5.84 -16.41
CA GLY A 212 -8.45 -6.04 -15.48
C GLY A 212 -8.93 -4.76 -14.81
N TYR A 213 -8.00 -3.84 -14.52
CA TYR A 213 -8.43 -2.56 -13.96
C TYR A 213 -9.19 -1.72 -14.99
N LYS A 214 -8.74 -1.72 -16.25
CA LYS A 214 -9.47 -0.99 -17.27
C LYS A 214 -10.88 -1.55 -17.45
N VAL A 215 -11.00 -2.88 -17.46
CA VAL A 215 -12.31 -3.50 -17.57
C VAL A 215 -13.18 -3.16 -16.35
N ALA A 216 -12.58 -3.19 -15.15
CA ALA A 216 -13.35 -2.91 -13.95
C ALA A 216 -13.87 -1.47 -13.95
N LEU A 217 -13.06 -0.51 -14.41
CA LEU A 217 -13.52 0.88 -14.47
C LEU A 217 -14.67 1.04 -15.47
N ARG A 218 -14.55 0.43 -16.66
CA ARG A 218 -15.63 0.50 -17.63
C ARG A 218 -16.91 -0.16 -17.08
N ASP A 219 -16.78 -1.32 -16.41
CA ASP A 219 -17.95 -1.99 -15.84
C ASP A 219 -18.60 -1.21 -14.70
N ASN A 220 -17.91 -0.26 -14.08
CA ASN A 220 -18.49 0.58 -13.05
C ASN A 220 -18.90 1.96 -13.57
N GLN A 221 -18.83 2.18 -14.89
CA GLN A 221 -19.17 3.47 -15.51
C GLN A 221 -18.24 4.61 -15.06
N VAL A 222 -16.99 4.28 -14.74
CA VAL A 222 -15.98 5.28 -14.39
C VAL A 222 -15.24 5.68 -15.67
N THR A 223 -15.03 6.98 -15.87
CA THR A 223 -14.28 7.48 -17.02
C THR A 223 -12.78 7.38 -16.72
N TYR A 224 -12.05 6.60 -17.52
CA TYR A 224 -10.60 6.49 -17.36
C TYR A 224 -9.91 7.35 -18.41
N LEU A 225 -9.10 8.31 -17.95
CA LEU A 225 -8.32 9.18 -18.83
C LEU A 225 -6.84 8.93 -18.58
N ASN A 226 -6.11 8.52 -19.63
CA ASN A 226 -4.67 8.33 -19.55
C ASN A 226 -3.98 9.66 -19.83
N ALA A 227 -3.97 10.52 -18.79
CA ALA A 227 -3.52 11.90 -18.92
C ALA A 227 -3.00 12.40 -17.59
N LYS A 228 -2.06 13.35 -17.68
CA LYS A 228 -1.50 14.00 -16.49
C LYS A 228 -2.44 15.08 -15.99
N GLY A 229 -2.77 15.04 -14.70
CA GLY A 229 -3.70 15.98 -14.10
C GLY A 229 -2.96 17.01 -13.27
N ARG A 230 -3.50 18.23 -13.25
CA ARG A 230 -2.95 19.30 -12.43
C ARG A 230 -4.12 20.10 -11.86
N LEU A 231 -4.16 20.23 -10.54
CA LEU A 231 -5.24 20.97 -9.88
C LEU A 231 -4.86 22.45 -9.88
N ILE A 232 -5.62 23.25 -10.64
CA ILE A 232 -5.33 24.67 -10.80
C ILE A 232 -6.25 25.57 -9.97
N SER A 233 -7.39 25.06 -9.52
CA SER A 233 -8.27 25.72 -8.57
C SER A 233 -9.01 24.62 -7.82
N PRO A 234 -9.74 24.96 -6.74
CA PRO A 234 -10.42 23.91 -5.96
C PRO A 234 -11.24 22.92 -6.78
N HIS A 235 -11.88 23.35 -7.87
CA HIS A 235 -12.77 22.48 -8.63
C HIS A 235 -12.34 22.24 -10.07
N GLU A 236 -11.21 22.80 -10.51
CA GLU A 236 -10.77 22.69 -11.90
C GLU A 236 -9.47 21.90 -12.00
N VAL A 237 -9.47 20.88 -12.87
CA VAL A 237 -8.29 20.06 -13.15
C VAL A 237 -7.93 20.23 -14.62
N GLN A 238 -6.70 20.70 -14.87
CA GLN A 238 -6.14 20.79 -16.22
C GLN A 238 -5.47 19.47 -16.57
N ILE A 239 -5.81 18.90 -17.74
CA ILE A 239 -5.29 17.61 -18.16
C ILE A 239 -4.48 17.78 -19.43
N THR A 240 -3.36 17.05 -19.52
CA THR A 240 -2.56 16.98 -20.73
C THR A 240 -2.53 15.51 -21.18
N ASP A 241 -2.86 15.26 -22.45
CA ASP A 241 -3.02 13.90 -22.94
C ASP A 241 -1.74 13.43 -23.65
N LYS A 242 -1.83 12.26 -24.31
CA LYS A 242 -0.65 11.67 -24.95
C LYS A 242 -0.16 12.51 -26.12
N ASN A 243 -1.06 13.20 -26.81
CA ASN A 243 -0.70 14.07 -27.93
C ASN A 243 -0.34 15.48 -27.47
N GLN A 244 -0.28 15.70 -26.16
CA GLN A 244 0.01 16.99 -25.56
C GLN A 244 -1.13 18.00 -25.74
N LYS A 245 -2.37 17.53 -25.98
CA LYS A 245 -3.51 18.43 -25.97
C LYS A 245 -3.89 18.79 -24.53
N VAL A 246 -4.10 20.07 -24.28
CA VAL A 246 -4.41 20.58 -22.94
C VAL A 246 -5.87 21.01 -22.90
N SER A 247 -6.60 20.53 -21.89
CA SER A 247 -7.99 20.93 -21.68
C SER A 247 -8.28 20.95 -20.18
N THR A 248 -9.52 21.27 -19.82
CA THR A 248 -9.91 21.43 -18.42
C THR A 248 -11.21 20.68 -18.15
N ILE A 249 -11.27 20.02 -16.99
CA ILE A 249 -12.49 19.38 -16.50
C ILE A 249 -12.72 19.82 -15.07
N THR A 250 -13.99 19.83 -14.64
CA THR A 250 -14.38 20.27 -13.32
C THR A 250 -15.00 19.14 -12.51
N GLY A 251 -14.81 19.20 -11.19
CA GLY A 251 -15.34 18.18 -10.30
C GLY A 251 -15.73 18.75 -8.96
N ASN A 252 -16.71 18.11 -8.31
CA ASN A 252 -17.15 18.57 -7.00
C ASN A 252 -16.13 18.21 -5.92
N LYS A 253 -15.90 16.91 -5.70
CA LYS A 253 -14.86 16.43 -4.79
C LYS A 253 -13.63 16.02 -5.59
N ILE A 254 -12.44 16.27 -5.02
CA ILE A 254 -11.15 15.91 -5.62
C ILE A 254 -10.41 15.00 -4.64
N ILE A 255 -9.87 13.88 -5.15
CA ILE A 255 -8.99 13.02 -4.37
C ILE A 255 -7.61 13.02 -5.01
N LEU A 256 -6.61 13.50 -4.26
CA LEU A 256 -5.21 13.41 -4.68
C LEU A 256 -4.65 12.06 -4.24
N ALA A 257 -4.17 11.27 -5.19
CA ALA A 257 -3.67 9.93 -4.92
C ALA A 257 -2.48 9.61 -5.82
N THR A 258 -1.50 10.52 -5.89
CA THR A 258 -0.47 10.47 -6.92
C THR A 258 0.81 9.73 -6.52
N GLY A 259 0.94 9.26 -5.27
CA GLY A 259 2.09 8.44 -4.89
C GLY A 259 3.45 9.14 -4.90
N GLU A 260 4.52 8.33 -4.94
CA GLU A 260 5.91 8.79 -4.91
C GLU A 260 6.73 8.10 -6.01
N ARG A 261 7.99 8.52 -6.17
CA ARG A 261 8.93 7.88 -7.07
C ARG A 261 10.31 7.80 -6.41
N PRO A 262 11.19 6.93 -6.92
CA PRO A 262 12.51 6.76 -6.27
C PRO A 262 13.36 8.02 -6.35
N LYS A 263 14.20 8.20 -5.31
CA LYS A 263 15.24 9.23 -5.27
C LYS A 263 16.57 8.71 -5.84
N TYR A 264 17.40 9.65 -6.33
CA TYR A 264 18.78 9.34 -6.72
C TYR A 264 19.74 10.17 -5.86
N PRO A 265 20.92 9.65 -5.54
CA PRO A 265 21.93 10.50 -4.90
C PRO A 265 22.54 11.49 -5.88
N GLU A 266 22.96 12.64 -5.35
CA GLU A 266 23.51 13.71 -6.19
C GLU A 266 25.01 13.52 -6.38
N ILE A 267 25.36 12.51 -7.20
CA ILE A 267 26.74 12.19 -7.51
C ILE A 267 26.86 12.00 -9.01
N PRO A 268 28.03 12.25 -9.61
CA PRO A 268 28.18 12.08 -11.07
C PRO A 268 27.91 10.66 -11.49
N GLY A 269 27.18 10.52 -12.59
CA GLY A 269 26.92 9.22 -13.19
C GLY A 269 25.71 8.50 -12.65
N ALA A 270 25.03 9.03 -11.63
CA ALA A 270 24.01 8.24 -10.95
C ALA A 270 22.78 8.08 -11.83
N VAL A 271 22.26 9.21 -12.36
CA VAL A 271 21.07 9.18 -13.20
C VAL A 271 21.39 8.57 -14.57
N GLU A 272 22.61 8.79 -15.08
CA GLU A 272 22.93 8.31 -16.42
C GLU A 272 23.15 6.80 -16.45
N TYR A 273 23.81 6.23 -15.44
CA TYR A 273 24.28 4.84 -15.53
C TYR A 273 23.66 3.86 -14.53
N GLY A 274 23.04 4.34 -13.44
CA GLY A 274 22.37 3.45 -12.51
C GLY A 274 20.88 3.26 -12.84
N ILE A 275 20.24 2.36 -12.10
CA ILE A 275 18.80 2.12 -12.21
C ILE A 275 18.18 2.11 -10.81
N THR A 276 16.84 2.04 -10.78
CA THR A 276 16.08 1.93 -9.53
C THR A 276 15.12 0.76 -9.63
N SER A 277 14.35 0.54 -8.55
CA SER A 277 13.33 -0.50 -8.57
C SER A 277 12.33 -0.30 -9.73
N ASP A 278 12.11 0.96 -10.16
CA ASP A 278 11.20 1.22 -11.29
C ASP A 278 11.63 0.47 -12.55
N ASP A 279 12.94 0.35 -12.78
CA ASP A 279 13.49 -0.29 -13.95
C ASP A 279 13.70 -1.80 -13.77
N LEU A 280 13.96 -2.23 -12.53
CA LEU A 280 14.40 -3.62 -12.28
C LEU A 280 13.35 -4.65 -12.70
N PHE A 281 12.07 -4.36 -12.46
CA PHE A 281 11.07 -5.41 -12.58
C PHE A 281 10.69 -5.71 -14.02
N SER A 282 11.13 -4.90 -15.00
CA SER A 282 10.93 -5.20 -16.42
C SER A 282 12.25 -5.27 -17.18
N LEU A 283 13.37 -5.38 -16.47
CA LEU A 283 14.69 -5.28 -17.10
C LEU A 283 14.85 -6.38 -18.15
N PRO A 284 15.22 -6.05 -19.39
CA PRO A 284 15.33 -7.09 -20.42
C PRO A 284 16.58 -7.96 -20.34
N TYR A 285 17.54 -7.64 -19.46
CA TYR A 285 18.77 -8.42 -19.29
C TYR A 285 18.94 -8.79 -17.81
N PHE A 286 19.69 -9.87 -17.53
CA PHE A 286 19.95 -10.21 -16.13
C PHE A 286 20.96 -9.20 -15.59
N PRO A 287 20.71 -8.63 -14.40
CA PRO A 287 21.64 -7.63 -13.87
C PRO A 287 23.08 -8.10 -13.74
N GLY A 288 23.33 -9.40 -13.56
CA GLY A 288 24.70 -9.86 -13.38
C GLY A 288 25.28 -9.46 -12.03
N LYS A 289 26.59 -9.21 -11.99
CA LYS A 289 27.22 -8.74 -10.75
C LYS A 289 26.67 -7.35 -10.40
N THR A 290 26.01 -7.26 -9.23
CA THR A 290 25.17 -6.12 -8.89
C THR A 290 25.59 -5.46 -7.58
N LEU A 291 25.55 -4.13 -7.55
CA LEU A 291 25.71 -3.34 -6.34
C LEU A 291 24.38 -2.67 -6.03
N VAL A 292 23.85 -2.90 -4.83
CA VAL A 292 22.67 -2.19 -4.34
C VAL A 292 23.16 -1.15 -3.36
N ILE A 293 22.90 0.13 -3.65
CA ILE A 293 23.24 1.24 -2.75
C ILE A 293 22.00 1.60 -1.96
N GLY A 294 22.02 1.39 -0.63
CA GLY A 294 20.87 1.66 0.21
C GLY A 294 20.64 0.59 1.25
N ALA A 295 19.74 0.82 2.23
CA ALA A 295 19.53 -0.17 3.28
C ALA A 295 18.08 -0.26 3.73
N SER A 296 17.16 0.24 2.92
CA SER A 296 15.73 0.15 3.15
C SER A 296 15.23 -1.28 2.91
N TYR A 297 13.94 -1.49 3.21
CA TYR A 297 13.36 -2.79 2.92
C TYR A 297 13.39 -3.10 1.43
N VAL A 298 13.25 -2.08 0.57
CA VAL A 298 13.37 -2.28 -0.87
C VAL A 298 14.78 -2.73 -1.22
N ALA A 299 15.78 -2.07 -0.65
CA ALA A 299 17.17 -2.43 -0.95
C ALA A 299 17.46 -3.90 -0.59
N LEU A 300 17.02 -4.33 0.61
CA LEU A 300 17.37 -5.67 1.06
C LEU A 300 16.52 -6.74 0.37
N GLU A 301 15.26 -6.43 0.05
CA GLU A 301 14.43 -7.40 -0.67
C GLU A 301 15.02 -7.68 -2.05
N CYS A 302 15.41 -6.62 -2.77
CA CYS A 302 15.96 -6.79 -4.11
C CYS A 302 17.32 -7.47 -4.07
N ALA A 303 18.20 -7.06 -3.15
CA ALA A 303 19.48 -7.77 -3.02
C ALA A 303 19.27 -9.24 -2.73
N GLY A 304 18.26 -9.56 -1.90
CA GLY A 304 18.05 -10.94 -1.49
C GLY A 304 17.64 -11.86 -2.63
N PHE A 305 16.66 -11.45 -3.44
CA PHE A 305 16.28 -12.39 -4.49
C PHE A 305 17.30 -12.44 -5.61
N LEU A 306 18.01 -11.34 -5.90
CA LEU A 306 19.06 -11.42 -6.93
C LEU A 306 20.13 -12.42 -6.54
N ALA A 307 20.47 -12.50 -5.25
CA ALA A 307 21.49 -13.46 -4.85
C ALA A 307 20.97 -14.89 -4.96
N SER A 308 19.71 -15.12 -4.58
CA SER A 308 19.14 -16.47 -4.69
C SER A 308 19.00 -16.92 -6.15
N LEU A 309 18.87 -15.98 -7.09
CA LEU A 309 18.81 -16.32 -8.51
C LEU A 309 20.19 -16.46 -9.14
N GLY A 310 21.24 -16.48 -8.33
CA GLY A 310 22.58 -16.75 -8.81
C GLY A 310 23.45 -15.54 -9.06
N GLY A 311 23.03 -14.35 -8.62
CA GLY A 311 23.81 -13.15 -8.80
C GLY A 311 24.89 -12.96 -7.74
N ASP A 312 25.97 -12.32 -8.15
CA ASP A 312 27.03 -11.85 -7.27
C ASP A 312 26.63 -10.46 -6.77
N VAL A 313 26.12 -10.37 -5.53
CA VAL A 313 25.45 -9.17 -5.03
C VAL A 313 26.19 -8.58 -3.83
N THR A 314 26.34 -7.24 -3.84
CA THR A 314 26.89 -6.46 -2.74
C THR A 314 25.90 -5.35 -2.37
N VAL A 315 25.72 -5.12 -1.07
CA VAL A 315 24.89 -4.02 -0.56
C VAL A 315 25.79 -3.00 0.12
N MET A 316 25.70 -1.72 -0.25
CA MET A 316 26.54 -0.67 0.36
C MET A 316 25.71 0.12 1.36
N VAL A 317 26.12 0.07 2.64
CA VAL A 317 25.32 0.57 3.76
C VAL A 317 26.02 1.78 4.37
N ARG A 318 25.32 2.93 4.35
CA ARG A 318 25.88 4.16 4.91
C ARG A 318 26.01 4.06 6.43
N SER A 319 24.95 3.62 7.11
CA SER A 319 25.00 3.50 8.58
C SER A 319 24.37 2.21 9.08
N ILE A 320 23.03 2.17 9.19
CA ILE A 320 22.33 1.00 9.73
C ILE A 320 21.34 0.46 8.71
N LEU A 321 20.91 -0.78 8.94
CA LEU A 321 19.88 -1.43 8.15
C LEU A 321 18.49 -1.11 8.70
N LEU A 322 17.53 -0.89 7.78
CA LEU A 322 16.11 -0.77 8.12
C LEU A 322 15.85 0.24 9.25
N ARG A 323 16.37 1.45 9.06
CA ARG A 323 16.11 2.53 10.02
C ARG A 323 14.61 2.69 10.24
N GLY A 324 14.21 2.76 11.51
CA GLY A 324 12.81 2.83 11.87
C GLY A 324 12.20 1.50 12.29
N PHE A 325 12.79 0.37 11.91
CA PHE A 325 12.35 -0.92 12.40
C PHE A 325 13.16 -1.33 13.63
N ASP A 326 12.59 -2.24 14.41
CA ASP A 326 13.29 -2.85 15.54
C ASP A 326 14.69 -3.30 15.13
N GLN A 327 15.72 -2.77 15.82
CA GLN A 327 17.09 -2.94 15.33
C GLN A 327 17.67 -4.31 15.67
N GLN A 328 17.21 -4.96 16.75
CA GLN A 328 17.59 -6.36 16.97
C GLN A 328 17.13 -7.22 15.79
N MET A 329 15.88 -7.02 15.36
CA MET A 329 15.33 -7.81 14.27
C MET A 329 16.02 -7.48 12.94
N ALA A 330 16.32 -6.19 12.73
CA ALA A 330 17.01 -5.78 11.51
C ALA A 330 18.39 -6.42 11.40
N GLU A 331 19.11 -6.53 12.53
CA GLU A 331 20.43 -7.15 12.49
C GLU A 331 20.33 -8.65 12.20
N LYS A 332 19.31 -9.33 12.76
CA LYS A 332 19.10 -10.73 12.44
C LYS A 332 18.76 -10.94 10.97
N VAL A 333 17.95 -10.04 10.39
CA VAL A 333 17.66 -10.10 8.95
C VAL A 333 18.96 -10.02 8.16
N GLY A 334 19.82 -9.05 8.51
CA GLY A 334 21.06 -8.84 7.76
C GLY A 334 22.06 -9.97 7.95
N ASP A 335 22.18 -10.49 9.17
CA ASP A 335 23.08 -11.62 9.41
C ASP A 335 22.70 -12.84 8.58
N TYR A 336 21.40 -13.11 8.44
CA TYR A 336 20.99 -14.25 7.62
C TYR A 336 21.45 -14.06 6.18
N MET A 337 21.22 -12.86 5.63
CA MET A 337 21.65 -12.60 4.26
C MET A 337 23.16 -12.73 4.07
N GLU A 338 23.96 -12.22 5.02
CA GLU A 338 25.41 -12.30 4.88
C GLU A 338 25.90 -13.75 4.93
N ASN A 339 25.23 -14.61 5.72
CA ASN A 339 25.56 -16.03 5.77
C ASN A 339 25.03 -16.82 4.58
N HIS A 340 24.23 -16.21 3.72
CA HIS A 340 23.61 -16.88 2.58
C HIS A 340 23.84 -16.10 1.28
N GLY A 341 25.05 -15.59 1.08
CA GLY A 341 25.50 -15.18 -0.23
C GLY A 341 25.42 -13.70 -0.58
N VAL A 342 25.03 -12.82 0.34
CA VAL A 342 25.01 -11.38 0.10
C VAL A 342 26.22 -10.75 0.80
N LYS A 343 27.04 -10.01 0.06
CA LYS A 343 28.13 -9.25 0.67
C LYS A 343 27.67 -7.85 1.08
N PHE A 344 28.26 -7.34 2.16
CA PHE A 344 27.92 -6.03 2.69
C PHE A 344 29.16 -5.15 2.77
N ALA A 345 29.10 -3.96 2.18
CA ALA A 345 30.13 -2.94 2.32
C ALA A 345 29.62 -1.94 3.36
N LYS A 346 30.11 -2.08 4.60
CA LYS A 346 29.53 -1.38 5.73
C LYS A 346 30.21 -0.05 5.97
N LEU A 347 29.43 0.92 6.46
CA LEU A 347 29.93 2.27 6.75
C LEU A 347 30.60 2.88 5.52
N CYS A 348 29.90 2.81 4.38
CA CYS A 348 30.47 3.17 3.08
C CYS A 348 29.48 3.98 2.26
N VAL A 349 29.96 4.99 1.53
CA VAL A 349 29.10 5.82 0.69
C VAL A 349 29.70 5.99 -0.70
N PRO A 350 28.89 6.21 -1.73
CA PRO A 350 29.41 6.32 -3.10
C PRO A 350 29.76 7.76 -3.46
N ASP A 351 30.82 7.89 -4.27
CA ASP A 351 31.23 9.21 -4.79
C ASP A 351 30.93 9.39 -6.29
N ILE A 353 29.94 7.18 -10.29
CA ILE A 353 29.73 6.07 -11.20
C ILE A 353 30.30 6.39 -12.59
N LYS A 354 31.24 5.57 -13.08
CA LYS A 354 31.85 5.75 -14.40
C LYS A 354 31.43 4.60 -15.31
N GLN A 355 31.20 4.90 -16.59
CA GLN A 355 30.75 3.87 -17.52
C GLN A 355 31.95 3.22 -18.22
N LEU A 356 31.99 1.89 -18.21
CA LEU A 356 32.98 1.09 -18.92
C LEU A 356 32.41 0.35 -20.14
N LYS A 357 31.10 0.06 -20.16
CA LYS A 357 30.43 -0.67 -21.23
C LYS A 357 28.97 -0.24 -21.27
N VAL A 358 28.45 0.03 -22.49
CA VAL A 358 27.04 0.39 -22.67
C VAL A 358 26.19 -0.88 -22.67
N VAL A 359 24.94 -0.76 -22.20
CA VAL A 359 24.03 -1.90 -22.19
C VAL A 359 23.81 -2.40 -23.63
N ASP A 360 23.88 -3.72 -23.81
CA ASP A 360 23.72 -4.37 -25.11
C ASP A 360 22.24 -4.68 -25.31
N THR A 361 21.53 -3.82 -26.04
CA THR A 361 20.10 -4.02 -26.23
C THR A 361 19.77 -5.04 -27.31
N GLU A 362 20.77 -5.52 -28.05
CA GLU A 362 20.52 -6.50 -29.10
C GLU A 362 20.68 -7.94 -28.61
N ASN A 363 21.76 -8.22 -27.86
CA ASN A 363 21.96 -9.53 -27.25
C ASN A 363 21.41 -9.61 -25.81
N ASN A 364 20.74 -8.55 -25.34
CA ASN A 364 20.23 -8.44 -23.98
C ASN A 364 21.25 -8.86 -22.93
N LYS A 365 22.33 -8.09 -22.81
CA LYS A 365 23.37 -8.24 -21.82
C LYS A 365 23.59 -6.91 -21.11
N PRO A 366 23.98 -6.92 -19.83
CA PRO A 366 24.25 -5.67 -19.13
C PRO A 366 25.53 -4.99 -19.64
N GLY A 367 25.70 -3.74 -19.24
CA GLY A 367 26.94 -3.02 -19.44
C GLY A 367 27.95 -3.33 -18.37
N LEU A 368 28.77 -2.32 -18.03
CA LEU A 368 29.80 -2.48 -17.01
C LEU A 368 30.12 -1.11 -16.44
N LEU A 369 30.21 -1.01 -15.11
CA LEU A 369 30.37 0.25 -14.42
C LEU A 369 31.51 0.16 -13.41
N LEU A 370 32.19 1.29 -13.20
CA LEU A 370 33.17 1.46 -12.12
C LEU A 370 32.55 2.35 -11.05
N VAL A 371 32.47 1.84 -9.81
CA VAL A 371 31.90 2.58 -8.69
C VAL A 371 33.05 2.98 -7.77
N LYS A 372 33.19 4.28 -7.52
CA LYS A 372 34.17 4.80 -6.57
C LYS A 372 33.46 5.36 -5.34
N GLY A 373 33.94 5.01 -4.15
CA GLY A 373 33.36 5.51 -2.92
C GLY A 373 34.37 5.56 -1.78
N HIS A 374 33.92 5.74 -0.54
CA HIS A 374 34.86 5.74 0.57
C HIS A 374 34.18 5.27 1.86
N TYR A 375 34.97 4.66 2.73
CA TYR A 375 34.57 4.15 4.03
C TYR A 375 34.86 5.19 5.13
N THR A 376 34.12 5.09 6.26
CA THR A 376 34.36 6.02 7.35
C THR A 376 35.79 5.92 7.91
N ASP A 377 36.50 4.80 7.71
CA ASP A 377 37.85 4.65 8.24
C ASP A 377 38.91 5.22 7.29
N GLY A 378 38.48 5.83 6.18
CA GLY A 378 39.38 6.47 5.24
C GLY A 378 39.75 5.64 4.03
N LYS A 379 39.48 4.35 4.03
CA LYS A 379 39.82 3.50 2.90
C LYS A 379 38.97 3.86 1.68
N LYS A 380 39.54 3.66 0.50
CA LYS A 380 38.83 3.93 -0.73
C LYS A 380 38.05 2.69 -1.16
N PHE A 381 36.87 2.91 -1.74
CA PHE A 381 36.12 1.84 -2.38
C PHE A 381 36.24 2.02 -3.89
N GLU A 382 36.63 0.96 -4.60
CA GLU A 382 36.70 1.00 -6.06
C GLU A 382 36.51 -0.42 -6.57
N GLU A 383 35.40 -0.67 -7.28
CA GLU A 383 35.05 -2.02 -7.70
C GLU A 383 34.15 -1.93 -8.94
N GLU A 384 34.25 -2.93 -9.82
CA GLU A 384 33.44 -2.97 -11.04
C GLU A 384 32.16 -3.79 -10.80
N PHE A 385 31.07 -3.34 -11.41
CA PHE A 385 29.76 -3.98 -11.31
C PHE A 385 29.09 -3.89 -12.68
N GLU A 386 28.30 -4.91 -13.01
CA GLU A 386 27.53 -4.86 -14.24
C GLU A 386 26.27 -3.99 -14.10
N THR A 387 25.65 -3.97 -12.90
CA THR A 387 24.45 -3.19 -12.65
C THR A 387 24.54 -2.50 -11.29
N VAL A 388 24.10 -1.24 -11.21
CA VAL A 388 24.07 -0.50 -9.96
C VAL A 388 22.64 -0.03 -9.72
N ILE A 389 22.05 -0.42 -8.58
CA ILE A 389 20.66 -0.09 -8.22
C ILE A 389 20.66 0.84 -7.03
N PHE A 390 19.99 1.99 -7.16
CA PHE A 390 19.83 2.92 -6.06
C PHE A 390 18.51 2.66 -5.34
N ALA A 391 18.58 2.41 -4.03
CA ALA A 391 17.40 2.33 -3.18
C ALA A 391 17.66 3.23 -1.97
N VAL A 392 17.55 4.55 -2.20
CA VAL A 392 17.86 5.55 -1.19
C VAL A 392 16.64 6.40 -0.83
N GLY A 393 15.45 5.84 -0.97
CA GLY A 393 14.23 6.50 -0.53
C GLY A 393 13.35 6.89 -1.70
N ARG A 394 12.16 7.38 -1.35
CA ARG A 394 11.13 7.77 -2.31
C ARG A 394 10.54 9.11 -1.87
N GLU A 395 10.01 9.88 -2.83
CA GLU A 395 9.48 11.20 -2.50
C GLU A 395 8.34 11.55 -3.45
N PRO A 396 7.37 12.36 -3.01
CA PRO A 396 6.37 12.88 -3.93
C PRO A 396 6.93 14.06 -4.74
N GLN A 397 6.23 14.42 -5.80
CA GLN A 397 6.56 15.64 -6.55
C GLN A 397 5.27 16.41 -6.81
N LEU A 398 4.70 16.97 -5.74
CA LEU A 398 3.38 17.57 -5.82
C LEU A 398 3.36 18.91 -6.52
N SER A 399 4.52 19.57 -6.68
CA SER A 399 4.50 20.80 -7.45
C SER A 399 4.13 20.56 -8.91
N LYS A 400 4.37 19.33 -9.43
CA LYS A 400 3.89 18.95 -10.75
C LYS A 400 2.40 18.62 -10.77
N VAL A 401 1.77 18.53 -9.61
CA VAL A 401 0.39 18.09 -9.50
C VAL A 401 -0.54 19.19 -9.01
N LEU A 402 -0.02 20.14 -8.24
CA LEU A 402 -0.86 20.98 -7.39
C LEU A 402 -0.32 22.40 -7.43
N CYS A 403 -1.07 23.30 -8.05
CA CYS A 403 -0.65 24.69 -8.11
C CYS A 403 -0.74 25.30 -6.71
N GLU A 404 0.35 25.96 -6.28
CA GLU A 404 0.45 26.43 -4.89
C GLU A 404 -0.60 27.48 -4.54
N THR A 405 -1.22 28.13 -5.54
CA THR A 405 -2.26 29.11 -5.23
C THR A 405 -3.58 28.48 -4.84
N VAL A 406 -3.72 27.15 -4.95
CA VAL A 406 -4.99 26.52 -4.58
C VAL A 406 -5.18 26.55 -3.07
N GLY A 407 -4.11 26.46 -2.29
CA GLY A 407 -4.19 26.53 -0.86
C GLY A 407 -4.10 25.21 -0.10
N VAL A 408 -3.49 24.19 -0.68
CA VAL A 408 -3.29 22.89 -0.03
C VAL A 408 -1.97 22.88 0.72
N LYS A 409 -2.05 22.69 2.04
CA LYS A 409 -0.89 22.72 2.92
C LYS A 409 -0.03 21.46 2.76
N LEU A 410 1.28 21.65 2.59
CA LEU A 410 2.25 20.55 2.58
C LEU A 410 3.18 20.67 3.79
N ASP A 411 3.81 19.55 4.15
CA ASP A 411 4.77 19.54 5.24
C ASP A 411 6.18 19.73 4.68
N LYS A 412 7.19 19.62 5.53
CA LYS A 412 8.56 19.87 5.10
C LYS A 412 9.08 18.80 4.13
N ASN A 413 8.46 17.62 4.10
CA ASN A 413 8.81 16.56 3.16
C ASN A 413 7.97 16.58 1.89
N GLY A 414 7.14 17.60 1.71
CA GLY A 414 6.32 17.68 0.51
C GLY A 414 5.06 16.84 0.54
N ARG A 415 4.69 16.25 1.68
CA ARG A 415 3.46 15.46 1.75
C ARG A 415 2.30 16.31 2.26
N VAL A 416 1.08 15.83 2.02
CA VAL A 416 -0.13 16.62 2.25
C VAL A 416 -0.58 16.50 3.71
N VAL A 417 -0.89 17.63 4.34
CA VAL A 417 -1.28 17.65 5.74
C VAL A 417 -2.80 17.53 5.82
N CYS A 418 -3.29 16.44 6.44
CA CYS A 418 -4.71 16.12 6.44
C CYS A 418 -5.25 15.95 7.85
N THR A 419 -6.56 16.14 7.99
CA THR A 419 -7.23 15.78 9.22
C THR A 419 -7.48 14.27 9.23
N ASP A 420 -8.04 13.77 10.32
CA ASP A 420 -8.22 12.32 10.48
C ASP A 420 -9.28 11.73 9.55
N ASP A 421 -9.92 12.55 8.72
CA ASP A 421 -10.85 12.09 7.69
C ASP A 421 -10.31 12.33 6.28
N GLU A 422 -8.99 12.54 6.17
CA GLU A 422 -8.22 12.73 4.93
C GLU A 422 -8.49 14.07 4.25
N GLN A 423 -9.15 15.01 4.91
CA GLN A 423 -9.44 16.31 4.31
C GLN A 423 -8.20 17.20 4.33
N THR A 424 -7.93 17.86 3.21
CA THR A 424 -6.86 18.85 3.13
C THR A 424 -7.33 20.20 3.66
N THR A 425 -6.46 21.21 3.55
CA THR A 425 -6.87 22.56 3.94
C THR A 425 -7.81 23.21 2.93
N VAL A 426 -8.12 22.54 1.82
CA VAL A 426 -9.16 22.94 0.88
C VAL A 426 -10.28 21.90 0.99
N SER A 427 -11.48 22.34 1.38
CA SER A 427 -12.40 21.43 2.06
C SER A 427 -13.05 20.38 1.16
N ASN A 428 -13.05 20.58 -0.15
CA ASN A 428 -13.51 19.58 -1.12
C ASN A 428 -12.39 18.71 -1.64
N VAL A 429 -11.16 18.92 -1.20
CA VAL A 429 -9.99 18.19 -1.69
C VAL A 429 -9.47 17.28 -0.57
N TYR A 430 -9.17 16.03 -0.92
CA TYR A 430 -8.75 15.00 0.03
C TYR A 430 -7.48 14.35 -0.50
N ALA A 431 -6.70 13.73 0.40
CA ALA A 431 -5.47 13.07 0.00
C ALA A 431 -5.38 11.70 0.66
N ILE A 432 -4.98 10.68 -0.10
CA ILE A 432 -4.91 9.31 0.40
C ILE A 432 -3.61 8.66 -0.07
N GLY A 433 -3.25 7.56 0.60
CA GLY A 433 -2.08 6.81 0.17
C GLY A 433 -0.75 7.44 0.59
N ASP A 434 0.28 7.16 -0.21
CA ASP A 434 1.65 7.51 0.19
C ASP A 434 1.87 9.01 0.39
N ILE A 435 1.04 9.88 -0.22
CA ILE A 435 1.27 11.32 -0.08
C ILE A 435 0.61 11.93 1.15
N ASN A 436 -0.19 11.17 1.91
CA ASN A 436 -0.79 11.63 3.16
C ASN A 436 0.25 11.63 4.27
N ALA A 437 0.64 12.82 4.75
CA ALA A 437 1.73 12.95 5.71
C ALA A 437 1.47 12.15 6.99
N GLY A 438 2.50 11.44 7.47
CA GLY A 438 2.44 10.76 8.74
C GLY A 438 1.81 9.37 8.73
N LYS A 439 1.29 8.90 7.60
CA LYS A 439 0.59 7.62 7.56
C LYS A 439 1.51 6.49 7.11
N PRO A 440 1.29 5.25 7.57
CA PRO A 440 2.07 4.12 7.01
C PRO A 440 1.88 4.02 5.49
N GLN A 441 3.00 3.85 4.78
CA GLN A 441 3.00 3.86 3.31
C GLN A 441 2.90 2.42 2.78
N LEU A 442 1.67 1.89 2.79
CA LEU A 442 1.39 0.49 2.47
C LEU A 442 0.15 0.42 1.58
N THR A 443 0.10 -0.60 0.71
CA THR A 443 -1.04 -0.74 -0.20
C THR A 443 -2.37 -1.02 0.50
N PRO A 444 -2.48 -1.92 1.47
CA PRO A 444 -3.81 -2.11 2.09
C PRO A 444 -4.28 -0.89 2.87
N VAL A 445 -3.36 -0.06 3.36
CA VAL A 445 -3.77 1.18 4.03
C VAL A 445 -4.40 2.12 3.01
N ALA A 446 -3.76 2.30 1.87
CA ALA A 446 -4.29 3.16 0.81
C ALA A 446 -5.67 2.70 0.37
N ILE A 447 -5.87 1.38 0.25
CA ILE A 447 -7.15 0.84 -0.21
C ILE A 447 -8.24 1.06 0.84
N GLN A 448 -7.95 0.77 2.11
CA GLN A 448 -8.92 1.03 3.16
C GLN A 448 -9.26 2.52 3.24
N ALA A 449 -8.25 3.40 3.16
CA ALA A 449 -8.52 4.82 3.22
C ALA A 449 -9.44 5.26 2.09
N GLY A 450 -9.16 4.79 0.87
CA GLY A 450 -9.93 5.25 -0.28
C GLY A 450 -11.36 4.74 -0.26
N ARG A 451 -11.55 3.47 0.09
CA ARG A 451 -12.91 2.93 0.12
C ARG A 451 -13.73 3.54 1.25
N TYR A 452 -13.13 3.69 2.44
CA TYR A 452 -13.85 4.29 3.56
C TYR A 452 -14.17 5.77 3.30
N LEU A 453 -13.29 6.50 2.62
CA LEU A 453 -13.57 7.90 2.29
C LEU A 453 -14.72 8.03 1.29
N ALA A 454 -14.71 7.20 0.24
CA ALA A 454 -15.81 7.21 -0.72
C ALA A 454 -17.16 6.98 -0.04
N ARG A 455 -17.19 6.10 0.97
CA ARG A 455 -18.47 5.86 1.64
C ARG A 455 -18.89 7.06 2.49
N ARG A 456 -17.94 7.73 3.14
CA ARG A 456 -18.31 8.93 3.89
C ARG A 456 -18.79 10.04 2.96
N LEU A 457 -18.13 10.20 1.79
CA LEU A 457 -18.51 11.27 0.88
C LEU A 457 -19.89 11.04 0.26
N PHE A 458 -20.17 9.81 -0.19
CA PHE A 458 -21.31 9.60 -1.07
C PHE A 458 -22.40 8.68 -0.53
N ALA A 459 -22.21 8.09 0.66
CA ALA A 459 -23.19 7.17 1.21
C ALA A 459 -23.52 7.45 2.67
N GLY A 460 -23.06 8.59 3.20
CA GLY A 460 -23.36 8.97 4.56
C GLY A 460 -22.70 8.13 5.65
N ALA A 461 -21.59 7.47 5.34
CA ALA A 461 -20.95 6.67 6.37
C ALA A 461 -20.16 7.55 7.33
N THR A 462 -19.84 7.00 8.50
CA THR A 462 -19.04 7.72 9.48
C THR A 462 -17.69 7.08 9.80
N GLU A 463 -17.51 5.78 9.50
CA GLU A 463 -16.29 5.06 9.88
C GLU A 463 -15.04 5.71 9.32
N LEU A 464 -14.06 5.94 10.20
CA LEU A 464 -12.73 6.44 9.84
C LEU A 464 -11.77 5.27 9.68
N THR A 465 -10.71 5.48 8.89
CA THR A 465 -9.62 4.50 8.84
C THR A 465 -8.78 4.57 10.12
N ASP A 466 -8.39 3.39 10.65
CA ASP A 466 -7.56 3.30 11.86
C ASP A 466 -6.14 3.00 11.41
N TYR A 467 -5.24 3.97 11.60
CA TYR A 467 -3.86 3.82 11.15
C TYR A 467 -2.92 3.26 12.21
N SER A 468 -3.42 2.86 13.37
CA SER A 468 -2.55 2.39 14.45
C SER A 468 -2.34 0.87 14.40
N ASN A 469 -1.13 0.45 14.79
CA ASN A 469 -0.76 -0.97 14.89
C ASN A 469 -1.00 -1.73 13.59
N VAL A 470 -0.69 -1.10 12.45
CA VAL A 470 -0.80 -1.77 11.15
C VAL A 470 0.39 -2.70 10.98
N ALA A 471 0.12 -3.98 10.71
CA ALA A 471 1.15 -5.01 10.60
C ALA A 471 1.86 -4.91 9.25
N THR A 472 3.12 -5.37 9.23
CA THR A 472 4.03 -5.24 8.08
C THR A 472 4.77 -6.56 7.89
N THR A 473 5.28 -6.80 6.67
CA THR A 473 6.23 -7.90 6.47
C THR A 473 7.28 -7.48 5.45
N VAL A 474 8.55 -7.73 5.78
CA VAL A 474 9.68 -7.50 4.88
C VAL A 474 10.03 -8.85 4.25
N PHE A 475 10.00 -8.92 2.92
CA PHE A 475 10.15 -10.19 2.21
C PHE A 475 11.60 -10.44 1.77
N THR A 476 12.50 -10.37 2.75
CA THR A 476 13.89 -10.78 2.59
C THR A 476 13.99 -12.33 2.52
N PRO A 477 15.16 -12.88 2.18
CA PRO A 477 15.28 -14.37 2.09
C PRO A 477 14.72 -15.13 3.28
N LEU A 478 15.04 -14.70 4.49
CA LEU A 478 14.28 -15.06 5.67
C LEU A 478 13.39 -13.86 6.02
N GLU A 479 12.07 -14.06 6.01
CA GLU A 479 11.07 -12.99 6.13
C GLU A 479 10.93 -12.49 7.57
N TYR A 480 10.56 -11.22 7.71
CA TYR A 480 10.41 -10.56 9.02
C TYR A 480 9.04 -9.88 9.10
N GLY A 481 8.16 -10.39 9.97
CA GLY A 481 6.83 -9.82 10.17
C GLY A 481 6.75 -9.11 11.50
N ALA A 482 5.97 -8.02 11.56
CA ALA A 482 5.85 -7.27 12.81
C ALA A 482 4.49 -6.59 12.92
N CYS A 483 4.03 -6.40 14.16
CA CYS A 483 2.83 -5.63 14.45
C CYS A 483 3.04 -4.87 15.75
N GLY A 484 2.98 -3.53 15.68
CA GLY A 484 3.08 -2.71 16.88
C GLY A 484 4.46 -2.13 17.09
N LEU A 485 4.81 -1.87 18.35
CA LEU A 485 6.02 -1.12 18.65
C LEU A 485 7.28 -2.00 18.61
N SER A 486 8.38 -1.42 18.14
CA SER A 486 9.69 -2.02 18.38
C SER A 486 9.99 -2.03 19.88
N GLU A 487 10.93 -2.88 20.29
CA GLU A 487 11.31 -2.96 21.71
C GLU A 487 11.89 -1.63 22.19
N GLU A 488 12.79 -1.03 21.41
CA GLU A 488 13.39 0.26 21.81
C GLU A 488 12.37 1.38 21.89
N ASP A 489 11.40 1.46 20.97
CA ASP A 489 10.34 2.47 21.07
C ASP A 489 9.45 2.26 22.29
N ALA A 490 9.12 1.00 22.62
CA ALA A 490 8.31 0.75 23.80
C ALA A 490 9.02 1.20 25.07
N ILE A 491 10.33 0.94 25.16
CA ILE A 491 11.11 1.30 26.35
C ILE A 491 11.25 2.81 26.45
N GLU A 492 11.39 3.51 25.32
CA GLU A 492 11.43 4.96 25.36
C GLU A 492 10.11 5.55 25.85
N LYS A 493 8.99 4.95 25.45
CA LYS A 493 7.68 5.52 25.76
C LYS A 493 7.26 5.28 27.21
N TYR A 494 7.61 4.13 27.78
CA TYR A 494 7.04 3.71 29.05
C TYR A 494 8.06 3.48 30.13
N GLY A 495 9.36 3.47 29.80
CA GLY A 495 10.40 3.16 30.77
C GLY A 495 10.77 1.70 30.82
N ASP A 496 12.06 1.43 30.96
CA ASP A 496 12.57 0.07 30.98
C ASP A 496 11.93 -0.79 32.06
N LYS A 497 11.53 -0.20 33.18
CA LYS A 497 11.00 -0.99 34.29
C LYS A 497 9.59 -1.47 34.03
N ASP A 498 8.87 -0.83 33.11
CA ASP A 498 7.49 -1.17 32.79
C ASP A 498 7.38 -2.10 31.59
N ILE A 499 8.50 -2.57 31.04
CA ILE A 499 8.51 -3.40 29.84
C ILE A 499 9.05 -4.78 30.18
N GLU A 500 8.34 -5.82 29.75
CA GLU A 500 8.75 -7.21 29.84
C GLU A 500 8.77 -7.79 28.42
N VAL A 501 9.80 -8.56 28.08
CA VAL A 501 9.95 -9.11 26.72
C VAL A 501 10.08 -10.63 26.82
N TYR A 502 9.12 -11.35 26.23
CA TYR A 502 9.20 -12.80 26.14
C TYR A 502 9.73 -13.18 24.77
N HIS A 503 10.63 -14.18 24.71
CA HIS A 503 11.22 -14.52 23.41
C HIS A 503 11.65 -15.98 23.33
N SER A 504 11.87 -16.46 22.09
CA SER A 504 12.31 -17.83 21.83
C SER A 504 12.88 -17.95 20.41
N ASN A 505 13.93 -18.75 20.25
CA ASN A 505 14.25 -19.28 18.93
C ASN A 505 13.31 -20.43 18.59
N PHE A 506 13.27 -20.80 17.30
CA PHE A 506 12.54 -21.99 16.88
C PHE A 506 13.15 -22.51 15.59
N LYS A 507 12.72 -23.71 15.21
CA LYS A 507 13.19 -24.31 13.96
C LYS A 507 11.99 -24.88 13.21
N PRO A 508 11.72 -24.44 11.99
CA PRO A 508 10.63 -25.04 11.21
C PRO A 508 10.87 -26.53 11.05
N LEU A 509 9.80 -27.33 11.16
CA LEU A 509 9.94 -28.77 10.94
C LEU A 509 10.54 -29.06 9.57
N GLU A 510 10.13 -28.27 8.56
CA GLU A 510 10.64 -28.42 7.20
C GLU A 510 12.17 -28.33 7.12
N TRP A 511 12.80 -27.63 8.07
CA TRP A 511 14.25 -27.45 8.02
C TRP A 511 15.01 -28.62 8.62
N THR A 512 14.33 -29.57 9.31
CA THR A 512 15.05 -30.64 9.99
C THR A 512 15.70 -31.58 8.98
N VAL A 513 14.88 -32.24 8.16
CA VAL A 513 15.37 -33.18 7.14
C VAL A 513 16.23 -32.47 6.10
N ALA A 514 16.00 -31.17 5.89
CA ALA A 514 16.77 -30.40 4.91
C ALA A 514 18.10 -29.92 5.46
N HIS A 515 18.39 -30.17 6.73
CA HIS A 515 19.66 -29.83 7.38
C HIS A 515 19.95 -28.32 7.30
N GLU A 517 19.37 -24.48 9.58
CA GLU A 517 19.93 -23.98 10.85
C GLU A 517 19.03 -24.09 12.10
N ASP A 518 19.64 -24.38 13.26
CA ASP A 518 18.86 -24.61 14.49
C ASP A 518 18.28 -23.31 15.06
N ASN A 519 19.14 -22.40 15.44
CA ASN A 519 18.70 -21.34 16.36
C ASN A 519 18.81 -20.00 15.65
N VAL A 520 18.13 -19.90 14.51
CA VAL A 520 18.17 -18.68 13.68
C VAL A 520 16.80 -18.01 13.61
N CYS A 521 15.74 -18.75 13.27
CA CYS A 521 14.39 -18.20 13.42
C CYS A 521 14.14 -17.79 14.88
N TYR A 522 13.36 -16.71 15.05
CA TYR A 522 13.29 -16.01 16.34
C TYR A 522 11.97 -15.26 16.45
N MET A 523 11.37 -15.23 17.66
CA MET A 523 10.18 -14.38 17.84
C MET A 523 10.19 -13.77 19.24
N LYS A 524 9.46 -12.66 19.38
CA LYS A 524 9.36 -12.00 20.68
C LYS A 524 8.04 -11.23 20.82
N LEU A 525 7.59 -11.10 22.07
CA LEU A 525 6.44 -10.26 22.43
C LEU A 525 6.91 -9.20 23.41
N VAL A 526 6.69 -7.93 23.07
CA VAL A 526 7.06 -6.79 23.90
C VAL A 526 5.81 -6.34 24.66
N CYS A 527 5.83 -6.40 26.01
CA CYS A 527 4.60 -6.22 26.79
C CYS A 527 4.77 -5.13 27.85
N ARG A 528 3.62 -4.59 28.32
CA ARG A 528 3.59 -3.52 29.32
C ARG A 528 3.11 -4.09 30.65
N LYS A 529 4.01 -4.09 31.65
CA LYS A 529 3.74 -4.73 32.93
C LYS A 529 2.54 -4.11 33.63
N SER A 530 2.48 -2.78 33.70
CA SER A 530 1.44 -2.12 34.48
C SER A 530 0.07 -2.13 33.81
N ASP A 531 -0.03 -2.59 32.57
CA ASP A 531 -1.31 -2.67 31.87
C ASP A 531 -1.69 -4.13 31.59
N ASN A 532 -1.68 -4.98 32.63
CA ASN A 532 -2.07 -6.39 32.53
C ASN A 532 -1.20 -7.16 31.52
N MET A 533 0.07 -6.77 31.33
CA MET A 533 0.95 -7.43 30.36
C MET A 533 0.39 -7.32 28.93
N ARG A 534 -0.21 -6.17 28.62
CA ARG A 534 -0.66 -5.85 27.27
C ARG A 534 0.45 -6.04 26.25
N VAL A 535 0.12 -6.67 25.12
CA VAL A 535 1.11 -6.87 24.07
C VAL A 535 1.21 -5.57 23.26
N LEU A 536 2.36 -4.91 23.32
CA LEU A 536 2.62 -3.65 22.61
C LEU A 536 3.25 -3.87 21.24
N GLY A 537 4.04 -4.94 21.06
CA GLY A 537 4.67 -5.24 19.79
C GLY A 537 4.90 -6.74 19.61
N LEU A 538 4.67 -7.27 18.41
CA LEU A 538 4.92 -8.67 18.07
C LEU A 538 5.91 -8.72 16.91
N HIS A 539 6.89 -9.62 16.99
CA HIS A 539 7.99 -9.70 16.02
C HIS A 539 8.37 -11.14 15.71
N VAL A 540 8.47 -11.51 14.42
CA VAL A 540 8.83 -12.90 14.05
C VAL A 540 9.73 -12.91 12.81
N LEU A 541 10.85 -13.63 12.90
CA LEU A 541 11.76 -13.89 11.78
C LEU A 541 11.64 -15.38 11.44
N GLY A 542 11.12 -15.70 10.24
CA GLY A 542 10.94 -17.08 9.82
C GLY A 542 10.20 -17.18 8.49
N PRO A 543 10.03 -18.41 7.99
CA PRO A 543 9.32 -18.59 6.71
C PRO A 543 7.86 -18.20 6.85
N ASN A 544 7.28 -17.71 5.74
CA ASN A 544 5.84 -17.36 5.67
C ASN A 544 5.44 -16.39 6.76
N ALA A 545 6.34 -15.42 7.06
CA ALA A 545 6.14 -14.55 8.22
C ALA A 545 4.91 -13.65 8.06
N GLY A 546 4.49 -13.35 6.83
CA GLY A 546 3.28 -12.56 6.66
C GLY A 546 2.01 -13.35 6.99
N GLU A 547 1.98 -14.64 6.63
CA GLU A 547 0.85 -15.48 7.02
C GLU A 547 0.82 -15.68 8.54
N ILE A 548 1.99 -15.83 9.18
CA ILE A 548 2.04 -15.96 10.64
C ILE A 548 1.46 -14.72 11.31
N THR A 549 1.91 -13.54 10.88
CA THR A 549 1.66 -12.30 11.60
C THR A 549 0.19 -11.83 11.46
N GLN A 550 -0.43 -12.05 10.30
CA GLN A 550 -1.69 -11.36 9.98
C GLN A 550 -2.76 -11.57 11.04
N GLY A 551 -3.00 -12.83 11.45
CA GLY A 551 -4.11 -13.09 12.37
C GLY A 551 -3.90 -12.45 13.73
N TYR A 552 -2.65 -12.36 14.17
CA TYR A 552 -2.38 -11.73 15.45
C TYR A 552 -2.69 -10.23 15.43
N ALA A 553 -2.66 -9.60 14.26
CA ALA A 553 -3.01 -8.18 14.21
C ALA A 553 -4.44 -7.91 14.67
N VAL A 554 -5.36 -8.86 14.42
CA VAL A 554 -6.72 -8.69 14.93
C VAL A 554 -6.74 -8.72 16.46
N ALA A 555 -5.99 -9.64 17.05
CA ALA A 555 -5.96 -9.74 18.50
C ALA A 555 -5.30 -8.52 19.13
N ILE A 556 -4.25 -7.99 18.49
CA ILE A 556 -3.61 -6.80 19.03
C ILE A 556 -4.55 -5.60 18.91
N LYS A 557 -5.29 -5.51 17.80
CA LYS A 557 -6.29 -4.45 17.66
C LYS A 557 -7.32 -4.49 18.79
N MET A 558 -7.67 -5.69 19.28
CA MET A 558 -8.60 -5.80 20.39
C MET A 558 -7.94 -5.71 21.78
N GLY A 559 -6.64 -5.45 21.86
CA GLY A 559 -5.99 -5.27 23.13
C GLY A 559 -5.54 -6.55 23.81
N ALA A 560 -4.99 -7.48 23.04
CA ALA A 560 -4.53 -8.75 23.59
C ALA A 560 -3.45 -8.56 24.66
N THR A 561 -3.49 -9.43 25.67
CA THR A 561 -2.49 -9.51 26.73
C THR A 561 -1.71 -10.81 26.60
N LYS A 562 -0.61 -10.91 27.35
CA LYS A 562 0.13 -12.18 27.40
C LYS A 562 -0.78 -13.33 27.85
N ALA A 563 -1.71 -13.05 28.77
CA ALA A 563 -2.62 -14.09 29.24
C ALA A 563 -3.49 -14.63 28.12
N ASP A 564 -3.90 -13.76 27.18
CA ASP A 564 -4.69 -14.21 26.03
C ASP A 564 -3.89 -15.14 25.13
N PHE A 565 -2.60 -14.85 24.93
CA PHE A 565 -1.73 -15.76 24.17
C PHE A 565 -1.57 -17.09 24.90
N ASP A 566 -1.48 -17.04 26.23
CA ASP A 566 -1.23 -18.28 26.98
C ASP A 566 -2.44 -19.22 26.95
N ARG A 567 -3.65 -18.67 27.07
CA ARG A 567 -4.84 -19.53 27.14
C ARG A 567 -5.22 -20.11 25.79
N THR A 568 -4.75 -19.52 24.69
CA THR A 568 -5.01 -20.05 23.35
C THR A 568 -4.11 -21.25 23.06
N ILE A 569 -4.69 -22.34 22.48
CA ILE A 569 -3.95 -23.57 22.19
C ILE A 569 -3.30 -23.50 20.81
N GLY A 570 -2.09 -24.08 20.69
CA GLY A 570 -1.41 -24.07 19.41
C GLY A 570 -1.96 -25.09 18.41
N ILE A 571 -1.67 -24.83 17.13
CA ILE A 571 -1.85 -25.78 16.03
C ILE A 571 -0.50 -26.44 15.74
N HIS A 572 -0.45 -27.79 15.66
CA HIS A 572 0.81 -28.52 15.53
C HIS A 572 0.81 -29.43 14.30
N PRO A 573 1.91 -29.49 13.53
CA PRO A 573 3.17 -28.75 13.64
C PRO A 573 3.16 -27.48 12.79
N THR A 574 3.36 -26.30 13.40
CA THR A 574 3.48 -25.04 12.68
C THR A 574 4.57 -24.19 13.32
N CYS A 575 5.05 -23.20 12.57
CA CYS A 575 5.94 -22.20 13.18
C CYS A 575 5.15 -21.29 14.13
N SER A 576 3.95 -20.87 13.72
CA SER A 576 3.19 -19.87 14.47
C SER A 576 2.85 -20.30 15.90
N GLU A 577 2.68 -21.61 16.14
CA GLU A 577 2.28 -22.08 17.47
C GLU A 577 3.29 -21.70 18.56
N THR A 578 4.54 -21.36 18.20
CA THR A 578 5.52 -21.01 19.24
C THR A 578 5.08 -19.76 20.03
N PHE A 579 4.27 -18.90 19.42
CA PHE A 579 3.74 -17.74 20.14
C PHE A 579 2.82 -18.13 21.30
N THR A 580 2.23 -19.34 21.28
CA THR A 580 1.25 -19.72 22.30
C THR A 580 1.87 -20.28 23.58
N THR A 581 3.20 -20.52 23.59
CA THR A 581 3.88 -21.15 24.73
C THR A 581 5.12 -20.37 25.18
N LEU A 582 5.21 -19.07 24.88
CA LEU A 582 6.42 -18.32 25.23
C LEU A 582 6.55 -18.19 26.74
N HIS A 583 7.79 -18.30 27.25
CA HIS A 583 7.96 -18.18 28.70
C HIS A 583 9.27 -17.53 29.16
N VAL A 584 10.32 -17.58 28.34
CA VAL A 584 11.61 -16.99 28.72
C VAL A 584 11.55 -15.46 28.60
N THR A 585 11.91 -14.75 29.67
CA THR A 585 11.99 -13.30 29.62
C THR A 585 13.42 -12.84 29.39
N LYS A 586 13.55 -11.65 28.80
CA LYS A 586 14.88 -11.07 28.62
C LYS A 586 15.49 -10.69 29.96
N LYS A 587 14.69 -10.13 30.88
CA LYS A 587 15.18 -9.78 32.22
C LYS A 587 15.84 -10.95 32.93
N SER A 588 15.40 -12.18 32.66
CA SER A 588 15.91 -13.32 33.42
C SER A 588 17.31 -13.74 32.98
N GLY A 589 17.75 -13.32 31.80
CA GLY A 589 19.03 -13.73 31.26
C GLY A 589 19.11 -15.16 30.77
N VAL A 590 18.01 -15.91 30.83
CA VAL A 590 18.03 -17.29 30.34
C VAL A 590 18.08 -17.29 28.82
N SER A 591 18.86 -18.21 28.24
CA SER A 591 19.03 -18.20 26.79
C SER A 591 17.70 -18.53 26.09
N PRO A 592 17.41 -17.89 24.95
CA PRO A 592 16.22 -18.27 24.17
C PRO A 592 16.43 -19.47 23.25
N ILE A 593 17.65 -20.03 23.18
CA ILE A 593 17.89 -21.11 22.22
C ILE A 593 17.11 -22.36 22.63
N VAL A 594 16.87 -23.21 21.64
CA VAL A 594 16.15 -24.46 21.86
C VAL A 594 17.03 -25.44 22.64
PA FAD B . 0.69 4.70 -6.33
O1A FAD B . 0.43 3.25 -6.23
O2A FAD B . 2.16 5.14 -6.51
O5B FAD B . -0.21 5.30 -7.53
C5B FAD B . -0.08 6.69 -7.94
C4B FAD B . -0.31 6.75 -9.44
O4B FAD B . -0.61 8.11 -9.85
C3B FAD B . 0.88 6.30 -10.28
O3B FAD B . 0.44 5.47 -11.36
C2B FAD B . 1.47 7.62 -10.78
O2B FAD B . 2.23 7.51 -11.98
C1B FAD B . 0.20 8.43 -10.98
N9A FAD B . 0.36 9.88 -11.06
C8A FAD B . 1.26 10.67 -10.39
N7A FAD B . 1.14 11.96 -10.64
C5A FAD B . 0.07 12.01 -11.54
C6A FAD B . -0.55 13.09 -12.19
N6A FAD B . -0.20 14.37 -12.04
N1A FAD B . -1.59 12.80 -13.02
C2A FAD B . -1.96 11.53 -13.18
N3A FAD B . -1.44 10.43 -12.61
C4A FAD B . -0.42 10.74 -11.79
N1 FAD B . 3.31 -2.06 0.05
C2 FAD B . 2.79 -3.15 0.69
O2 FAD B . 1.77 -3.07 1.39
N3 FAD B . 3.42 -4.38 0.55
C4 FAD B . 4.59 -4.63 -0.18
O4 FAD B . 5.05 -5.77 -0.24
C4X FAD B . 5.12 -3.46 -0.85
N5 FAD B . 6.21 -3.63 -1.60
C5X FAD B . 6.72 -2.51 -2.23
C6 FAD B . 7.87 -2.66 -3.02
C7 FAD B . 8.43 -1.57 -3.68
C7M FAD B . 9.67 -1.77 -4.52
C8 FAD B . 7.81 -0.30 -3.58
C8M FAD B . 8.38 0.89 -4.31
C9 FAD B . 6.66 -0.17 -2.82
C9A FAD B . 6.11 -1.25 -2.14
N10 FAD B . 4.95 -1.12 -1.33
C10 FAD B . 4.43 -2.22 -0.69
C1' FAD B . 4.27 0.16 -1.18
C2' FAD B . 3.08 0.33 -2.09
O2' FAD B . 3.47 0.10 -3.45
C3' FAD B . 2.54 1.74 -1.94
O3' FAD B . 2.31 2.02 -0.57
C4' FAD B . 1.25 1.95 -2.75
O4' FAD B . 1.52 1.74 -4.13
C5' FAD B . 0.70 3.35 -2.52
O5' FAD B . -0.37 3.60 -3.46
P FAD B . -0.81 5.07 -3.81
O1P FAD B . -2.25 4.91 -4.32
O2P FAD B . -0.52 6.01 -2.63
O3P FAD B . 0.13 5.47 -5.05
C12 YI6 C . 0.49 26.52 4.14
C13 YI6 C . 0.24 26.43 5.48
C5 YI6 C . -1.02 26.35 6.01
C6 YI6 C . -2.14 26.35 5.13
C7 YI6 C . -1.92 26.45 3.73
C8 YI6 C . -0.58 26.55 3.27
C2 YI6 C . -2.44 26.34 8.18
O9 YI6 C . -0.22 26.76 1.93
C10 YI6 C . -1.11 26.29 0.95
C11 YI6 C . -0.43 26.28 -0.43
O1 YI6 C . -2.49 27.08 9.20
O3 YI6 C . -3.36 25.65 7.68
C4 YI6 C . -1.03 26.26 7.50
#